data_5G67
#
_entry.id   5G67
#
_cell.length_a   80.680
_cell.length_b   95.470
_cell.length_c   62.830
_cell.angle_alpha   90.00
_cell.angle_beta   90.00
_cell.angle_gamma   90.00
#
_symmetry.space_group_name_H-M   'P 21 21 2'
#
loop_
_entity.id
_entity.type
_entity.pdbx_description
1 polymer 'NITRIC OXIDE SYNTHASE'
2 non-polymer 'PROTOPORPHYRIN IX CONTAINING FE'
3 non-polymer 5,6,7,8-TETRAHYDROBIOPTERIN
4 non-polymer 'CHLORIDE ION'
5 non-polymer 7-[[2-(3-fluorophenyl)ethylamino]methyl]quinolin-2-amine
6 non-polymer GLYCEROL
7 non-polymer DI(HYDROXYETHYL)ETHER
8 non-polymer N-PROPANOL
9 water water
#
_entity_poly.entity_id   1
_entity_poly.type   'polypeptide(L)'
_entity_poly.pdbx_seq_one_letter_code
;MEEKEILWNEAKAFIAACYQELGKAAEVKDRLADIKSEIDLTGSYVHTKEELEHGAKMAWRNSNRCIGRLFWNSLNVIDR
RDVRTKEEVRDALFHHIETATNNGKIRPTITIFPPEEKGEKQVEIWNHQLIRYAGYESDGERIGDPASCSLTAACEELGW
RGERTDFDLLPLIFRMKGDEQPVWYELPRSLVIEVPITHPDIEAFSDLELKWYGVPIISDMKLEVGGIHYNAAPFNGWYM
GTEIGARNLADEKRYDKLKKVASVIGIAADYNTDLWKDQALVELNKAVLHSYKKQGVSIVDHHTAASQFKRFEEQAEEAG
RKLTGDWTWLIPPISPAATHIFHRSYDNSIVKPNYFYQDKPYE
;
_entity_poly.pdbx_strand_id   A
#
# COMPACT_ATOMS: atom_id res chain seq x y z
N GLU A 2 -23.46 7.07 -21.85
CA GLU A 2 -22.92 5.81 -21.34
C GLU A 2 -22.14 5.97 -20.02
N GLU A 3 -21.32 7.00 -19.93
CA GLU A 3 -20.56 7.28 -18.71
C GLU A 3 -21.51 7.49 -17.54
N LYS A 4 -22.58 8.24 -17.79
CA LYS A 4 -23.60 8.53 -16.77
C LYS A 4 -24.31 7.26 -16.31
N GLU A 5 -24.56 6.37 -17.27
CA GLU A 5 -25.23 5.12 -16.94
C GLU A 5 -24.31 4.22 -16.13
N ILE A 6 -23.04 4.17 -16.52
CA ILE A 6 -22.06 3.40 -15.76
C ILE A 6 -22.00 3.91 -14.32
N LEU A 7 -22.00 5.22 -14.15
CA LEU A 7 -21.94 5.83 -12.82
C LEU A 7 -23.16 5.49 -11.99
N TRP A 8 -24.34 5.65 -12.59
CA TRP A 8 -25.61 5.44 -11.90
C TRP A 8 -25.77 3.99 -11.46
N ASN A 9 -25.38 3.05 -12.32
CA ASN A 9 -25.46 1.64 -11.98
C ASN A 9 -24.59 1.26 -10.78
N GLU A 10 -23.34 1.73 -10.77
CA GLU A 10 -22.44 1.47 -9.66
C GLU A 10 -22.97 2.15 -8.42
N ALA A 11 -23.56 3.32 -8.59
CA ALA A 11 -24.08 4.09 -7.47
C ALA A 11 -25.21 3.35 -6.78
N LYS A 12 -26.13 2.82 -7.60
CA LYS A 12 -27.24 2.02 -7.09
C LYS A 12 -26.76 0.80 -6.33
N ALA A 13 -25.77 0.10 -6.89
CA ALA A 13 -25.28 -1.12 -6.25
C ALA A 13 -24.62 -0.80 -4.92
N PHE A 14 -23.79 0.25 -4.90
CA PHE A 14 -23.03 0.62 -3.72
C PHE A 14 -23.92 1.12 -2.58
N ILE A 15 -24.81 2.05 -2.88
CA ILE A 15 -25.68 2.64 -1.85
C ILE A 15 -26.56 1.59 -1.17
N ALA A 16 -27.14 0.71 -1.97
CA ALA A 16 -27.91 -0.41 -1.43
C ALA A 16 -27.07 -1.22 -0.46
N ALA A 17 -25.94 -1.74 -0.93
CA ALA A 17 -25.07 -2.57 -0.09
C ALA A 17 -24.55 -1.83 1.14
N CYS A 18 -24.05 -0.62 0.95
CA CYS A 18 -23.50 0.17 2.04
C CYS A 18 -24.55 0.43 3.14
N TYR A 19 -25.73 0.88 2.74
CA TYR A 19 -26.77 1.20 3.71
C TYR A 19 -27.32 -0.05 4.40
N GLN A 20 -27.34 -1.19 3.69
CA GLN A 20 -27.72 -2.46 4.33
C GLN A 20 -26.78 -2.75 5.48
N GLU A 21 -25.47 -2.65 5.22
CA GLU A 21 -24.46 -2.92 6.23
C GLU A 21 -24.52 -1.93 7.39
N LEU A 22 -24.98 -0.72 7.12
CA LEU A 22 -25.09 0.30 8.16
C LEU A 22 -26.47 0.34 8.81
N GLY A 23 -27.29 -0.66 8.52
CA GLY A 23 -28.64 -0.71 9.05
C GLY A 23 -29.52 0.46 8.65
N LYS A 24 -29.22 1.06 7.50
CA LYS A 24 -29.94 2.23 7.01
C LYS A 24 -30.72 1.93 5.74
N ALA A 25 -31.23 0.71 5.62
CA ALA A 25 -31.87 0.27 4.39
C ALA A 25 -33.08 1.13 3.98
N ALA A 26 -33.79 1.68 4.96
CA ALA A 26 -34.98 2.48 4.67
C ALA A 26 -34.65 3.79 3.96
N GLU A 27 -33.41 4.24 4.12
CA GLU A 27 -33.02 5.55 3.59
C GLU A 27 -32.54 5.46 2.15
N VAL A 28 -32.39 4.24 1.66
CA VAL A 28 -31.85 4.00 0.32
C VAL A 28 -32.66 4.69 -0.78
N LYS A 29 -33.98 4.58 -0.67
CA LYS A 29 -34.89 5.10 -1.69
C LYS A 29 -34.73 6.60 -1.90
N ASP A 30 -34.78 7.35 -0.80
CA ASP A 30 -34.62 8.80 -0.85
C ASP A 30 -33.21 9.24 -1.28
N ARG A 31 -32.19 8.50 -0.84
CA ARG A 31 -30.82 8.84 -1.19
C ARG A 31 -30.53 8.63 -2.67
N LEU A 32 -31.02 7.53 -3.23
CA LEU A 32 -30.82 7.22 -4.64
C LEU A 32 -31.48 8.24 -5.58
N ALA A 33 -32.66 8.72 -5.18
CA ALA A 33 -33.35 9.76 -5.92
C ALA A 33 -32.51 11.02 -5.96
N ASP A 34 -32.04 11.42 -4.78
CA ASP A 34 -31.17 12.58 -4.65
C ASP A 34 -29.97 12.44 -5.56
N ILE A 35 -29.40 11.25 -5.58
CA ILE A 35 -28.22 10.96 -6.41
C ILE A 35 -28.55 11.05 -7.90
N LYS A 36 -29.68 10.46 -8.30
CA LYS A 36 -30.08 10.45 -9.71
C LYS A 36 -30.25 11.87 -10.24
N SER A 37 -30.91 12.72 -9.45
CA SER A 37 -31.06 14.12 -9.81
C SER A 37 -29.71 14.79 -9.93
N GLU A 38 -28.82 14.52 -8.98
CA GLU A 38 -27.53 15.17 -8.94
C GLU A 38 -26.69 14.77 -10.15
N ILE A 39 -26.76 13.51 -10.54
CA ILE A 39 -26.04 13.05 -11.72
C ILE A 39 -26.61 13.69 -12.97
N ASP A 40 -27.94 13.74 -13.06
CA ASP A 40 -28.61 14.41 -14.18
C ASP A 40 -28.19 15.88 -14.27
N LEU A 41 -28.19 16.54 -13.13
CA LEU A 41 -27.87 17.97 -13.05
C LEU A 41 -26.39 18.27 -13.30
N THR A 42 -25.50 17.49 -12.66
CA THR A 42 -24.10 17.87 -12.58
C THR A 42 -23.15 16.91 -13.30
N GLY A 43 -23.63 15.73 -13.64
CA GLY A 43 -22.78 14.72 -14.25
C GLY A 43 -22.09 13.86 -13.21
N SER A 44 -22.34 14.14 -11.93
CA SER A 44 -21.71 13.38 -10.87
C SER A 44 -22.47 13.48 -9.55
N TYR A 45 -21.96 12.82 -8.52
CA TYR A 45 -22.54 12.95 -7.18
C TYR A 45 -21.49 12.91 -6.08
N VAL A 46 -21.84 13.49 -4.94
CA VAL A 46 -20.92 13.64 -3.84
C VAL A 46 -21.29 12.67 -2.71
N HIS A 47 -20.31 11.90 -2.24
CA HIS A 47 -20.57 10.97 -1.14
C HIS A 47 -20.72 11.72 0.17
N THR A 48 -21.57 11.20 1.05
CA THR A 48 -21.60 11.65 2.44
C THR A 48 -20.34 11.14 3.11
N LYS A 49 -20.02 11.68 4.28
CA LYS A 49 -18.85 11.25 5.03
C LYS A 49 -18.97 9.77 5.43
N GLU A 50 -20.18 9.36 5.78
CA GLU A 50 -20.44 7.98 6.15
C GLU A 50 -20.24 7.03 4.97
N GLU A 51 -20.72 7.42 3.80
CA GLU A 51 -20.56 6.63 2.59
C GLU A 51 -19.09 6.47 2.23
N LEU A 52 -18.36 7.58 2.30
CA LEU A 52 -16.95 7.57 1.93
C LEU A 52 -16.15 6.66 2.87
N GLU A 53 -16.34 6.86 4.18
CA GLU A 53 -15.66 6.03 5.17
C GLU A 53 -15.95 4.53 4.99
N HIS A 54 -17.22 4.18 4.90
CA HIS A 54 -17.57 2.77 4.75
C HIS A 54 -17.10 2.20 3.40
N GLY A 55 -17.13 3.04 2.37
CA GLY A 55 -16.67 2.67 1.05
C GLY A 55 -15.20 2.31 1.02
N ALA A 56 -14.37 3.10 1.71
CA ALA A 56 -12.94 2.83 1.74
C ALA A 56 -12.67 1.53 2.49
N LYS A 57 -13.50 1.27 3.49
CA LYS A 57 -13.40 0.04 4.27
C LYS A 57 -13.80 -1.17 3.43
N MET A 58 -14.92 -1.05 2.71
CA MET A 58 -15.37 -2.13 1.83
C MET A 58 -14.33 -2.43 0.78
N ALA A 59 -13.69 -1.39 0.26
CA ALA A 59 -12.70 -1.58 -0.78
C ALA A 59 -11.50 -2.39 -0.27
N TRP A 60 -11.09 -2.15 0.97
CA TRP A 60 -10.02 -2.96 1.59
C TRP A 60 -10.50 -4.42 1.74
N ARG A 61 -11.71 -4.59 2.26
CA ARG A 61 -12.32 -5.92 2.43
C ARG A 61 -12.37 -6.74 1.15
N ASN A 62 -12.43 -6.05 0.01
CA ASN A 62 -12.58 -6.69 -1.31
C ASN A 62 -11.26 -6.87 -2.03
N SER A 63 -10.17 -6.44 -1.40
CA SER A 63 -8.85 -6.57 -2.03
C SER A 63 -8.36 -8.00 -2.03
N ASN A 64 -8.68 -8.72 -3.11
CA ASN A 64 -8.31 -10.14 -3.27
C ASN A 64 -6.87 -10.52 -2.88
N ARG A 65 -5.91 -9.63 -3.12
CA ARG A 65 -4.51 -9.96 -2.91
C ARG A 65 -4.02 -9.72 -1.48
N CYS A 66 -4.89 -9.17 -0.63
CA CYS A 66 -4.49 -8.75 0.72
C CYS A 66 -4.75 -9.78 1.81
N ILE A 67 -3.67 -10.20 2.47
CA ILE A 67 -3.76 -11.17 3.57
C ILE A 67 -4.18 -10.50 4.89
N GLY A 68 -4.12 -9.18 4.93
CA GLY A 68 -4.33 -8.45 6.17
C GLY A 68 -5.75 -7.96 6.40
N ARG A 69 -6.69 -8.49 5.62
CA ARG A 69 -8.06 -7.97 5.60
C ARG A 69 -8.92 -8.14 6.87
N LEU A 70 -8.46 -8.90 7.86
CA LEU A 70 -9.28 -9.12 9.07
C LEU A 70 -9.65 -7.79 9.69
N PHE A 71 -8.74 -6.83 9.57
CA PHE A 71 -8.91 -5.57 10.27
C PHE A 71 -9.55 -4.47 9.44
N TRP A 72 -10.23 -4.86 8.35
CA TRP A 72 -10.82 -3.90 7.40
C TRP A 72 -11.70 -2.81 8.05
N ASN A 73 -12.42 -3.18 9.11
CA ASN A 73 -13.41 -2.28 9.68
C ASN A 73 -12.81 -1.24 10.63
N SER A 74 -11.51 -1.35 10.92
CA SER A 74 -10.89 -0.37 11.82
C SER A 74 -10.02 0.64 11.08
N LEU A 75 -10.05 0.58 9.74
CA LEU A 75 -9.39 1.58 8.89
C LEU A 75 -9.74 3.00 9.35
N ASN A 76 -8.71 3.83 9.51
CA ASN A 76 -8.88 5.24 9.88
C ASN A 76 -8.98 6.10 8.62
N VAL A 77 -10.16 6.65 8.33
CA VAL A 77 -10.37 7.39 7.08
C VAL A 77 -10.27 8.90 7.27
N ILE A 78 -9.39 9.54 6.52
CA ILE A 78 -9.25 10.99 6.57
C ILE A 78 -9.79 11.64 5.30
N ASP A 79 -10.84 12.46 5.46
CA ASP A 79 -11.54 13.07 4.33
C ASP A 79 -10.89 14.40 3.94
N ARG A 80 -10.12 14.40 2.86
CA ARG A 80 -9.50 15.65 2.40
C ARG A 80 -9.99 16.09 1.02
N ARG A 81 -11.29 15.94 0.79
CA ARG A 81 -11.89 16.38 -0.47
C ARG A 81 -11.91 17.90 -0.58
N ASP A 82 -11.51 18.57 0.51
CA ASP A 82 -11.52 20.02 0.58
C ASP A 82 -10.26 20.69 0.04
N VAL A 83 -9.18 19.93 -0.18
CA VAL A 83 -7.91 20.55 -0.57
C VAL A 83 -8.00 21.17 -1.96
N ARG A 84 -7.38 22.34 -2.12
CA ARG A 84 -7.38 23.03 -3.41
C ARG A 84 -5.98 23.47 -3.82
N THR A 85 -5.04 23.48 -2.88
CA THR A 85 -3.69 23.98 -3.16
C THR A 85 -2.60 22.93 -2.91
N LYS A 86 -1.45 23.13 -3.53
CA LYS A 86 -0.37 22.15 -3.42
C LYS A 86 0.23 22.16 -2.01
N GLU A 87 0.23 23.31 -1.36
CA GLU A 87 0.64 23.37 0.05
C GLU A 87 -0.27 22.50 0.92
N GLU A 88 -1.58 22.57 0.66
CA GLU A 88 -2.55 21.75 1.38
C GLU A 88 -2.34 20.26 1.12
N VAL A 89 -2.08 19.91 -0.14
CA VAL A 89 -1.84 18.51 -0.47
C VAL A 89 -0.57 18.02 0.24
N ARG A 90 0.48 18.83 0.19
CA ARG A 90 1.74 18.50 0.85
C ARG A 90 1.53 18.27 2.34
N ASP A 91 0.83 19.20 2.98
CA ASP A 91 0.62 19.14 4.42
C ASP A 91 -0.27 17.97 4.81
N ALA A 92 -1.22 17.59 3.95
CA ALA A 92 -2.05 16.40 4.18
C ALA A 92 -1.21 15.13 4.12
N LEU A 93 -0.27 15.10 3.19
CA LEU A 93 0.60 13.95 3.02
C LEU A 93 1.54 13.84 4.23
N PHE A 94 2.10 14.98 4.64
CA PHE A 94 2.93 15.03 5.84
C PHE A 94 2.13 14.54 7.04
N HIS A 95 0.91 15.03 7.19
CA HIS A 95 0.05 14.63 8.30
C HIS A 95 -0.22 13.11 8.31
N HIS A 96 -0.49 12.55 7.13
CA HIS A 96 -0.73 11.12 7.01
C HIS A 96 0.47 10.33 7.52
N ILE A 97 1.68 10.68 7.07
CA ILE A 97 2.88 10.01 7.57
C ILE A 97 2.92 10.03 9.09
N GLU A 98 2.70 11.22 9.68
CA GLU A 98 2.77 11.38 11.12
C GLU A 98 1.73 10.52 11.85
N THR A 99 0.46 10.63 11.47
CA THR A 99 -0.60 9.98 12.23
C THR A 99 -0.63 8.47 12.01
N ALA A 100 -0.27 8.04 10.80
CA ALA A 100 -0.18 6.61 10.54
C ALA A 100 0.98 6.00 11.30
N THR A 101 2.12 6.69 11.34
CA THR A 101 3.31 6.18 12.02
C THR A 101 3.06 6.00 13.52
N ASN A 102 2.50 7.05 14.13
CA ASN A 102 2.06 7.00 15.53
C ASN A 102 3.17 6.51 16.45
N ASN A 103 4.37 7.04 16.27
CA ASN A 103 5.54 6.65 17.07
C ASN A 103 5.92 5.18 17.01
N GLY A 104 5.52 4.50 15.93
CA GLY A 104 5.81 3.09 15.79
C GLY A 104 4.60 2.18 15.90
N LYS A 105 3.57 2.63 16.63
CA LYS A 105 2.35 1.84 16.77
C LYS A 105 1.42 2.18 15.62
N ILE A 106 1.70 1.60 14.45
CA ILE A 106 1.10 1.98 13.18
C ILE A 106 -0.44 1.90 13.16
N ARG A 107 -1.07 2.98 12.69
CA ARG A 107 -2.52 3.01 12.52
C ARG A 107 -2.86 2.87 11.04
N PRO A 108 -3.60 1.80 10.68
CA PRO A 108 -4.03 1.71 9.28
C PRO A 108 -4.88 2.92 8.91
N THR A 109 -4.50 3.65 7.88
CA THR A 109 -5.06 4.97 7.59
C THR A 109 -5.17 5.16 6.09
N ILE A 110 -6.20 5.89 5.66
CA ILE A 110 -6.27 6.36 4.28
C ILE A 110 -6.64 7.84 4.25
N THR A 111 -5.93 8.61 3.43
CA THR A 111 -6.29 10.02 3.22
C THR A 111 -6.89 10.13 1.83
N ILE A 112 -8.10 10.67 1.74
CA ILE A 112 -8.82 10.72 0.47
C ILE A 112 -8.90 12.13 -0.11
N PHE A 113 -8.33 12.31 -1.30
CA PHE A 113 -8.32 13.61 -1.97
C PHE A 113 -9.50 13.75 -2.94
N PRO A 114 -9.75 14.96 -3.50
CA PRO A 114 -10.87 15.07 -4.44
C PRO A 114 -10.76 14.08 -5.60
N PRO A 115 -11.90 13.52 -6.06
CA PRO A 115 -11.90 12.52 -7.12
C PRO A 115 -11.84 13.12 -8.53
N GLU A 116 -11.63 12.27 -9.54
CA GLU A 116 -11.66 12.69 -10.93
C GLU A 116 -13.03 13.26 -11.27
N GLU A 117 -13.06 14.24 -12.18
CA GLU A 117 -14.31 14.82 -12.62
C GLU A 117 -14.77 14.17 -13.92
N LYS A 118 -14.26 14.66 -15.05
CA LYS A 118 -14.60 14.08 -16.33
C LYS A 118 -13.53 13.07 -16.72
N GLY A 119 -13.07 12.29 -15.74
CA GLY A 119 -11.85 11.53 -15.89
C GLY A 119 -10.65 12.44 -15.68
N GLU A 120 -10.93 13.71 -15.37
CA GLU A 120 -9.89 14.69 -15.12
C GLU A 120 -9.44 14.68 -13.65
N LYS A 121 -8.18 14.35 -13.43
CA LYS A 121 -7.63 14.31 -12.07
C LYS A 121 -7.50 15.71 -11.46
N GLN A 122 -7.77 15.80 -10.17
CA GLN A 122 -7.65 17.06 -9.45
C GLN A 122 -6.26 17.13 -8.84
N VAL A 123 -5.79 15.97 -8.36
CA VAL A 123 -4.48 15.82 -7.78
C VAL A 123 -3.91 14.52 -8.32
N GLU A 124 -2.66 14.54 -8.76
CA GLU A 124 -2.06 13.36 -9.37
C GLU A 124 -0.73 13.05 -8.70
N ILE A 125 -0.70 12.00 -7.87
CA ILE A 125 0.47 11.65 -7.08
C ILE A 125 1.41 10.73 -7.87
N TRP A 126 2.69 11.12 -7.96
CA TRP A 126 3.65 10.34 -8.74
C TRP A 126 4.34 9.22 -7.93
N ASN A 127 4.48 9.41 -6.62
CA ASN A 127 5.11 8.36 -5.79
C ASN A 127 4.36 7.03 -5.81
N HIS A 128 5.10 5.93 -5.76
CA HIS A 128 4.48 4.62 -5.56
C HIS A 128 4.09 4.48 -4.08
N GLN A 129 5.03 4.83 -3.21
CA GLN A 129 4.75 4.99 -1.78
C GLN A 129 5.27 6.35 -1.29
N LEU A 130 4.62 6.91 -0.28
CA LEU A 130 5.03 8.21 0.25
C LEU A 130 6.48 8.14 0.77
N ILE A 131 6.85 7.02 1.38
CA ILE A 131 8.23 6.79 1.77
C ILE A 131 8.78 5.63 0.95
N ARG A 132 9.84 5.89 0.19
CA ARG A 132 10.43 4.92 -0.73
C ARG A 132 11.87 5.36 -1.05
N TYR A 133 12.76 4.39 -1.31
CA TYR A 133 14.16 4.72 -1.60
C TYR A 133 14.41 4.90 -3.10
N ALA A 134 15.35 5.80 -3.44
CA ALA A 134 15.68 6.09 -4.83
C ALA A 134 16.53 4.99 -5.42
N GLY A 135 16.61 4.96 -6.75
CA GLY A 135 17.37 3.95 -7.45
C GLY A 135 18.09 4.55 -8.62
N TYR A 136 19.33 4.11 -8.82
CA TYR A 136 20.17 4.65 -9.90
C TYR A 136 20.85 3.54 -10.69
N GLU A 137 21.03 3.77 -11.99
CA GLU A 137 21.69 2.82 -12.87
C GLU A 137 22.41 3.60 -13.96
N SER A 138 23.74 3.52 -13.96
CA SER A 138 24.54 4.16 -15.01
C SER A 138 25.94 3.56 -15.07
N ASP A 139 26.41 3.31 -16.29
CA ASP A 139 27.71 2.70 -16.53
C ASP A 139 27.89 1.44 -15.68
N GLY A 140 26.91 0.55 -15.73
CA GLY A 140 26.95 -0.70 -15.00
C GLY A 140 26.85 -0.54 -13.49
N GLU A 141 26.86 0.71 -13.01
CA GLU A 141 26.78 0.99 -11.58
C GLU A 141 25.35 1.02 -11.08
N ARG A 142 25.04 0.19 -10.09
CA ARG A 142 23.71 0.12 -9.51
C ARG A 142 23.72 0.60 -8.07
N ILE A 143 22.86 1.58 -7.77
CA ILE A 143 22.77 2.13 -6.42
C ILE A 143 21.30 2.18 -6.01
N GLY A 144 21.02 1.78 -4.77
CA GLY A 144 19.68 1.89 -4.22
C GLY A 144 18.68 0.87 -4.75
N ASP A 145 17.43 1.28 -4.86
CA ASP A 145 16.33 0.38 -5.19
C ASP A 145 16.02 0.41 -6.68
N PRO A 146 16.37 -0.65 -7.43
CA PRO A 146 16.14 -0.68 -8.89
C PRO A 146 14.70 -0.36 -9.29
N ALA A 147 13.74 -0.71 -8.43
CA ALA A 147 12.33 -0.50 -8.76
C ALA A 147 11.97 0.98 -8.75
N SER A 148 12.85 1.81 -8.20
CA SER A 148 12.61 3.26 -8.19
C SER A 148 13.36 4.01 -9.28
N CYS A 149 14.01 3.29 -10.19
CA CYS A 149 14.85 3.95 -11.21
C CYS A 149 14.13 4.96 -12.11
N SER A 150 12.95 4.64 -12.61
CA SER A 150 12.30 5.58 -13.52
C SER A 150 11.72 6.81 -12.81
N LEU A 151 11.17 6.63 -11.62
CA LEU A 151 10.67 7.78 -10.85
C LEU A 151 11.84 8.67 -10.41
N THR A 152 12.92 8.05 -9.96
CA THR A 152 14.14 8.76 -9.55
C THR A 152 14.65 9.63 -10.70
N ALA A 153 14.72 9.05 -11.89
CA ALA A 153 15.16 9.79 -13.07
C ALA A 153 14.19 10.95 -13.38
N ALA A 154 12.90 10.73 -13.17
CA ALA A 154 11.92 11.79 -13.43
C ALA A 154 12.08 12.92 -12.40
N CYS A 155 12.26 12.56 -11.13
CA CYS A 155 12.55 13.57 -10.11
C CYS A 155 13.77 14.40 -10.48
N GLU A 156 14.84 13.74 -10.91
CA GLU A 156 16.09 14.47 -11.18
C GLU A 156 15.98 15.37 -12.41
N GLU A 157 15.04 15.08 -13.30
CA GLU A 157 14.72 16.01 -14.39
C GLU A 157 14.21 17.34 -13.82
N LEU A 158 13.50 17.25 -12.70
CA LEU A 158 12.80 18.40 -12.13
C LEU A 158 13.64 19.19 -11.12
N GLY A 159 14.94 18.93 -11.08
CA GLY A 159 15.84 19.69 -10.23
C GLY A 159 16.13 19.08 -8.87
N TRP A 160 15.52 17.94 -8.56
CA TRP A 160 15.91 17.21 -7.36
C TRP A 160 17.25 16.51 -7.62
N ARG A 161 18.05 16.33 -6.58
CA ARG A 161 19.29 15.56 -6.69
C ARG A 161 19.46 14.67 -5.46
N GLY A 162 19.65 13.38 -5.68
CA GLY A 162 19.84 12.43 -4.60
C GLY A 162 21.31 12.34 -4.20
N GLU A 163 21.57 11.94 -2.96
CA GLU A 163 22.94 11.80 -2.48
C GLU A 163 23.63 10.53 -3.00
N ARG A 164 22.85 9.64 -3.60
CA ARG A 164 23.35 8.39 -4.14
C ARG A 164 23.94 7.44 -3.10
N THR A 165 23.28 7.38 -1.95
CA THR A 165 23.43 6.28 -1.02
C THR A 165 22.44 5.22 -1.50
N ASP A 166 22.48 4.03 -0.92
CA ASP A 166 21.54 2.97 -1.29
C ASP A 166 20.17 3.20 -0.69
N PHE A 167 20.03 4.24 0.13
CA PHE A 167 18.79 4.51 0.85
C PHE A 167 18.43 6.00 0.84
N ASP A 168 18.53 6.64 -0.33
CA ASP A 168 18.07 8.02 -0.46
C ASP A 168 16.54 8.05 -0.39
N LEU A 169 15.97 8.92 0.44
CA LEU A 169 14.51 9.10 0.46
C LEU A 169 14.06 9.96 -0.73
N LEU A 170 13.14 9.42 -1.51
CA LEU A 170 12.60 10.18 -2.64
C LEU A 170 11.76 11.33 -2.08
N PRO A 171 11.69 12.45 -2.80
CA PRO A 171 10.82 13.54 -2.32
C PRO A 171 9.38 13.18 -2.63
N LEU A 172 8.42 13.83 -1.99
CA LEU A 172 7.04 13.71 -2.43
C LEU A 172 6.97 14.40 -3.78
N ILE A 173 6.29 13.78 -4.74
CA ILE A 173 6.09 14.45 -6.01
C ILE A 173 4.67 14.24 -6.54
N PHE A 174 3.99 15.34 -6.85
CA PHE A 174 2.60 15.27 -7.32
C PHE A 174 2.27 16.46 -8.19
N ARG A 175 1.27 16.31 -9.06
CA ARG A 175 0.84 17.39 -9.94
C ARG A 175 -0.61 17.83 -9.67
N MET A 176 -0.86 19.14 -9.74
CA MET A 176 -2.20 19.69 -9.57
C MET A 176 -2.88 19.90 -10.93
N LYS A 177 -4.19 19.76 -10.94
CA LYS A 177 -4.99 20.07 -12.13
C LYS A 177 -4.66 21.50 -12.54
N GLY A 178 -4.31 21.69 -13.81
CA GLY A 178 -4.00 23.03 -14.29
C GLY A 178 -2.51 23.29 -14.44
N ASP A 179 -1.69 22.44 -13.83
CA ASP A 179 -0.24 22.57 -13.96
C ASP A 179 0.30 21.57 -14.95
N GLU A 180 1.29 21.98 -15.74
CA GLU A 180 1.96 21.07 -16.67
C GLU A 180 2.98 20.18 -15.98
N GLN A 181 3.56 20.67 -14.88
CA GLN A 181 4.60 19.94 -14.18
C GLN A 181 4.27 19.67 -12.72
N PRO A 182 4.66 18.49 -12.21
CA PRO A 182 4.47 18.24 -10.79
C PRO A 182 5.42 19.12 -9.97
N VAL A 183 5.16 19.24 -8.67
CA VAL A 183 6.09 19.88 -7.77
C VAL A 183 6.69 18.79 -6.91
N TRP A 184 7.81 19.07 -6.25
CA TRP A 184 8.39 18.10 -5.34
C TRP A 184 8.84 18.74 -4.03
N TYR A 185 8.76 17.97 -2.95
CA TYR A 185 9.14 18.41 -1.61
C TYR A 185 9.94 17.32 -0.92
N GLU A 186 11.08 17.71 -0.36
CA GLU A 186 11.92 16.81 0.40
C GLU A 186 11.17 16.40 1.69
N LEU A 187 11.25 15.12 2.06
CA LEU A 187 10.59 14.66 3.28
C LEU A 187 11.36 15.13 4.50
N PRO A 188 10.66 15.73 5.47
CA PRO A 188 11.32 16.05 6.75
C PRO A 188 11.75 14.74 7.41
N ARG A 189 13.02 14.59 7.72
CA ARG A 189 13.50 13.32 8.27
C ARG A 189 12.87 12.99 9.64
N SER A 190 12.46 14.03 10.38
CA SER A 190 11.79 13.83 11.65
C SER A 190 10.45 13.09 11.54
N LEU A 191 9.90 13.01 10.33
CA LEU A 191 8.64 12.30 10.14
C LEU A 191 8.86 10.81 9.84
N VAL A 192 10.06 10.47 9.39
CA VAL A 192 10.32 9.14 8.85
C VAL A 192 11.01 8.19 9.83
N ILE A 193 10.33 7.12 10.26
CA ILE A 193 10.99 6.12 11.07
C ILE A 193 11.66 5.05 10.20
N GLU A 194 12.93 4.77 10.46
CA GLU A 194 13.64 3.71 9.77
C GLU A 194 14.13 2.70 10.80
N VAL A 195 14.33 1.46 10.36
CA VAL A 195 14.74 0.38 11.24
C VAL A 195 16.03 -0.26 10.74
N PRO A 196 17.11 -0.18 11.53
CA PRO A 196 18.34 -0.89 11.17
C PRO A 196 18.14 -2.40 11.33
N ILE A 197 18.63 -3.19 10.38
CA ILE A 197 18.42 -4.64 10.46
C ILE A 197 19.55 -5.29 11.23
N THR A 198 19.22 -5.86 12.39
CA THR A 198 20.18 -6.68 13.11
C THR A 198 19.57 -8.06 13.34
N HIS A 199 20.41 -9.02 13.73
CA HIS A 199 19.97 -10.40 13.94
C HIS A 199 20.04 -10.73 15.43
N PRO A 200 19.08 -11.52 15.93
CA PRO A 200 19.07 -11.81 17.37
C PRO A 200 20.30 -12.55 17.91
N ASP A 201 20.96 -13.36 17.08
CA ASP A 201 22.03 -14.26 17.53
C ASP A 201 23.35 -13.97 16.84
N ILE A 202 23.28 -13.41 15.63
CA ILE A 202 24.47 -13.24 14.80
C ILE A 202 24.89 -11.77 14.76
N GLU A 203 25.89 -11.45 15.57
CA GLU A 203 26.36 -10.07 15.72
C GLU A 203 26.84 -9.47 14.39
N ALA A 204 27.41 -10.30 13.54
CA ALA A 204 27.98 -9.84 12.27
C ALA A 204 26.94 -9.30 11.30
N PHE A 205 25.67 -9.58 11.55
CA PHE A 205 24.62 -9.22 10.60
C PHE A 205 24.56 -7.71 10.38
N SER A 206 24.95 -6.93 11.39
CA SER A 206 24.95 -5.48 11.28
C SER A 206 26.02 -4.96 10.32
N ASP A 207 26.97 -5.82 9.96
CA ASP A 207 28.00 -5.43 8.98
C ASP A 207 27.39 -5.16 7.60
N LEU A 208 26.22 -5.74 7.35
CA LEU A 208 25.56 -5.54 6.06
C LEU A 208 24.98 -4.14 5.94
N GLU A 209 24.83 -3.46 7.08
CA GLU A 209 24.29 -2.09 7.11
C GLU A 209 22.97 -1.97 6.35
N LEU A 210 22.09 -2.94 6.57
CA LEU A 210 20.75 -2.93 5.98
C LEU A 210 19.81 -2.13 6.87
N LYS A 211 18.81 -1.50 6.23
CA LYS A 211 17.70 -0.89 6.93
C LYS A 211 16.48 -0.85 6.04
N TRP A 212 15.31 -0.60 6.62
CA TRP A 212 14.11 -0.38 5.83
C TRP A 212 13.25 0.68 6.54
N TYR A 213 12.30 1.26 5.82
CA TYR A 213 11.44 2.26 6.42
C TYR A 213 10.31 1.57 7.20
N GLY A 214 9.76 2.27 8.19
CA GLY A 214 8.74 1.68 9.04
C GLY A 214 7.38 1.45 8.42
N VAL A 215 6.91 2.41 7.63
CA VAL A 215 5.53 2.39 7.17
C VAL A 215 5.37 2.44 5.64
N PRO A 216 4.77 1.39 5.05
CA PRO A 216 4.48 1.38 3.62
C PRO A 216 3.19 2.12 3.33
N ILE A 217 3.28 3.29 2.70
CA ILE A 217 2.10 4.09 2.42
C ILE A 217 1.88 4.18 0.90
N ILE A 218 1.04 3.27 0.40
CA ILE A 218 0.85 3.12 -1.04
C ILE A 218 0.02 4.28 -1.58
N SER A 219 0.59 5.00 -2.55
CA SER A 219 0.01 6.27 -2.94
C SER A 219 -0.25 6.38 -4.42
N ASP A 220 -0.26 5.25 -5.13
CA ASP A 220 -0.51 5.31 -6.57
C ASP A 220 -1.63 4.38 -7.05
N MET A 221 -2.48 3.90 -6.14
CA MET A 221 -3.66 3.14 -6.56
C MET A 221 -4.92 3.99 -6.53
N LYS A 222 -5.85 3.65 -7.42
CA LYS A 222 -7.13 4.32 -7.47
C LYS A 222 -8.16 3.61 -6.59
N LEU A 223 -8.79 4.35 -5.68
CA LEU A 223 -9.93 3.83 -4.92
C LEU A 223 -11.21 4.12 -5.69
N GLU A 224 -11.99 3.08 -5.96
CA GLU A 224 -13.26 3.25 -6.64
C GLU A 224 -14.45 2.93 -5.70
N VAL A 225 -15.37 3.86 -5.57
CA VAL A 225 -16.50 3.71 -4.66
C VAL A 225 -17.76 4.23 -5.32
N GLY A 226 -18.69 3.34 -5.67
CA GLY A 226 -19.95 3.74 -6.26
C GLY A 226 -19.80 4.53 -7.57
N GLY A 227 -18.82 4.13 -8.37
CA GLY A 227 -18.60 4.76 -9.65
C GLY A 227 -17.82 6.08 -9.59
N ILE A 228 -17.42 6.48 -8.39
CA ILE A 228 -16.59 7.67 -8.21
C ILE A 228 -15.14 7.21 -8.15
N HIS A 229 -14.28 7.90 -8.89
CA HIS A 229 -12.88 7.50 -9.02
C HIS A 229 -11.93 8.38 -8.19
N TYR A 230 -11.51 7.87 -7.04
CA TYR A 230 -10.54 8.56 -6.21
C TYR A 230 -9.12 8.10 -6.58
N ASN A 231 -8.58 8.68 -7.63
CA ASN A 231 -7.25 8.30 -8.13
C ASN A 231 -6.16 8.63 -7.12
N ALA A 232 -6.43 9.60 -6.26
CA ALA A 232 -5.47 10.04 -5.25
C ALA A 232 -6.02 9.76 -3.87
N ALA A 233 -5.55 8.66 -3.25
CA ALA A 233 -6.05 8.23 -1.95
C ALA A 233 -5.05 7.31 -1.24
N PRO A 234 -3.93 7.88 -0.79
CA PRO A 234 -2.89 7.04 -0.20
C PRO A 234 -3.36 6.29 1.05
N PHE A 235 -2.92 5.05 1.22
CA PHE A 235 -3.30 4.25 2.38
C PHE A 235 -2.12 3.44 2.90
N ASN A 236 -2.24 2.95 4.13
CA ASN A 236 -1.22 2.10 4.72
C ASN A 236 -1.79 1.11 5.71
N GLY A 237 -1.12 -0.04 5.83
CA GLY A 237 -1.25 -0.88 7.00
C GLY A 237 0.13 -0.91 7.64
N TRP A 238 0.48 -2.05 8.25
CA TRP A 238 1.86 -2.34 8.63
C TRP A 238 2.40 -3.48 7.76
N TYR A 239 3.71 -3.64 7.74
CA TYR A 239 4.34 -4.66 6.88
C TYR A 239 4.12 -6.07 7.41
N MET A 240 4.01 -7.03 6.50
CA MET A 240 4.26 -8.43 6.83
C MET A 240 5.75 -8.64 6.55
N GLY A 241 6.47 -9.29 7.48
CA GLY A 241 7.93 -9.35 7.40
C GLY A 241 8.53 -9.83 6.09
N THR A 242 7.90 -10.83 5.48
CA THR A 242 8.37 -11.39 4.20
C THR A 242 8.44 -10.35 3.06
N GLU A 243 7.63 -9.29 3.16
CA GLU A 243 7.62 -8.27 2.10
C GLU A 243 9.00 -7.63 2.01
N ILE A 244 9.66 -7.54 3.16
CA ILE A 244 10.97 -6.92 3.23
C ILE A 244 12.06 -7.97 3.11
N GLY A 245 11.98 -9.01 3.94
CA GLY A 245 13.07 -9.99 4.01
C GLY A 245 13.13 -10.98 2.85
N ALA A 246 12.01 -11.20 2.18
CA ALA A 246 11.95 -12.21 1.13
C ALA A 246 11.83 -11.60 -0.26
N ARG A 247 11.53 -10.29 -0.32
CA ARG A 247 11.33 -9.65 -1.62
C ARG A 247 12.17 -8.37 -1.81
N ASN A 248 11.84 -7.32 -1.04
CA ASN A 248 12.54 -6.04 -1.15
C ASN A 248 14.05 -6.20 -0.99
N LEU A 249 14.47 -6.95 0.01
CA LEU A 249 15.90 -7.13 0.23
C LEU A 249 16.51 -8.35 -0.49
N ALA A 250 15.65 -9.28 -0.94
CA ALA A 250 16.10 -10.57 -1.49
C ALA A 250 16.10 -10.72 -3.01
N ASP A 251 15.13 -10.13 -3.68
CA ASP A 251 14.96 -10.32 -5.13
C ASP A 251 16.24 -9.89 -5.84
N GLU A 252 16.63 -10.62 -6.88
CA GLU A 252 17.79 -10.23 -7.67
C GLU A 252 17.61 -8.87 -8.34
N LYS A 253 16.37 -8.54 -8.69
CA LYS A 253 16.07 -7.25 -9.30
C LYS A 253 15.72 -6.17 -8.26
N ARG A 254 15.84 -6.50 -6.99
CA ARG A 254 15.73 -5.49 -5.95
C ARG A 254 17.10 -5.32 -5.29
N TYR A 255 17.17 -5.42 -3.96
CA TYR A 255 18.46 -5.20 -3.29
C TYR A 255 19.42 -6.40 -3.37
N ASP A 256 18.89 -7.58 -3.71
CA ASP A 256 19.72 -8.74 -4.05
C ASP A 256 20.77 -9.10 -2.97
N LYS A 257 20.35 -9.21 -1.72
CA LYS A 257 21.31 -9.40 -0.61
C LYS A 257 21.64 -10.83 -0.17
N LEU A 258 21.06 -11.85 -0.82
CA LEU A 258 21.21 -13.21 -0.29
C LEU A 258 22.66 -13.73 -0.19
N LYS A 259 23.49 -13.46 -1.19
CA LYS A 259 24.89 -13.92 -1.14
C LYS A 259 25.62 -13.28 0.04
N LYS A 260 25.37 -11.99 0.25
CA LYS A 260 25.98 -11.28 1.35
C LYS A 260 25.44 -11.77 2.69
N VAL A 261 24.17 -12.15 2.71
CA VAL A 261 23.60 -12.70 3.93
C VAL A 261 24.25 -14.03 4.26
N ALA A 262 24.43 -14.86 3.24
CA ALA A 262 25.05 -16.18 3.43
C ALA A 262 26.46 -16.03 4.00
N SER A 263 27.20 -15.06 3.50
CA SER A 263 28.55 -14.84 3.99
C SER A 263 28.56 -14.45 5.47
N VAL A 264 27.74 -13.49 5.86
CA VAL A 264 27.75 -13.08 7.27
C VAL A 264 27.18 -14.12 8.24
N ILE A 265 26.31 -15.00 7.76
CA ILE A 265 25.85 -16.07 8.65
C ILE A 265 26.76 -17.30 8.58
N GLY A 266 27.84 -17.18 7.81
CA GLY A 266 28.89 -18.18 7.81
C GLY A 266 28.62 -19.48 7.08
N ILE A 267 27.79 -19.44 6.03
CA ILE A 267 27.61 -20.62 5.20
C ILE A 267 28.10 -20.36 3.77
N ALA A 268 28.45 -21.44 3.08
CA ALA A 268 28.90 -21.36 1.69
C ALA A 268 27.73 -21.05 0.78
N ALA A 269 27.99 -20.31 -0.30
CA ALA A 269 26.96 -20.03 -1.30
C ALA A 269 27.34 -20.65 -2.65
N ASP A 270 27.78 -21.90 -2.60
CA ASP A 270 28.36 -22.55 -3.78
C ASP A 270 27.47 -23.64 -4.40
N TYR A 271 26.66 -24.32 -3.59
CA TYR A 271 25.92 -25.50 -4.08
C TYR A 271 24.44 -25.37 -3.85
N ASN A 272 23.65 -25.58 -4.90
CA ASN A 272 22.20 -25.54 -4.81
C ASN A 272 21.69 -26.49 -3.74
N THR A 273 22.29 -27.69 -3.67
CA THR A 273 21.85 -28.72 -2.73
C THR A 273 22.11 -28.37 -1.26
N ASP A 274 22.91 -27.34 -0.99
CA ASP A 274 23.11 -26.88 0.38
C ASP A 274 21.91 -26.05 0.85
N LEU A 275 21.03 -25.68 -0.08
CA LEU A 275 19.88 -24.83 0.20
C LEU A 275 20.31 -23.54 0.90
N TRP A 276 21.44 -22.99 0.46
CA TRP A 276 21.95 -21.78 1.07
C TRP A 276 21.04 -20.57 0.85
N LYS A 277 20.36 -20.49 -0.29
CA LYS A 277 19.43 -19.38 -0.47
C LYS A 277 18.28 -19.49 0.54
N ASP A 278 17.81 -20.71 0.77
CA ASP A 278 16.68 -20.92 1.67
C ASP A 278 17.05 -20.55 3.10
N GLN A 279 18.25 -20.97 3.51
CA GLN A 279 18.74 -20.71 4.86
C GLN A 279 18.97 -19.21 5.06
N ALA A 280 19.57 -18.58 4.06
CA ALA A 280 19.77 -17.13 4.06
C ALA A 280 18.44 -16.37 4.16
N LEU A 281 17.46 -16.80 3.36
CA LEU A 281 16.13 -16.20 3.41
C LEU A 281 15.52 -16.28 4.81
N VAL A 282 15.64 -17.43 5.45
CA VAL A 282 15.08 -17.60 6.79
C VAL A 282 15.75 -16.66 7.81
N GLU A 283 17.08 -16.61 7.81
CA GLU A 283 17.80 -15.75 8.76
C GLU A 283 17.53 -14.27 8.52
N LEU A 284 17.52 -13.85 7.25
CA LEU A 284 17.23 -12.45 6.92
C LEU A 284 15.84 -12.09 7.39
N ASN A 285 14.90 -13.01 7.22
CA ASN A 285 13.53 -12.75 7.65
C ASN A 285 13.36 -12.73 9.17
N LYS A 286 14.14 -13.56 9.86
CA LYS A 286 14.12 -13.54 11.32
C LYS A 286 14.68 -12.19 11.78
N ALA A 287 15.70 -11.73 11.08
CA ALA A 287 16.35 -10.47 11.41
C ALA A 287 15.40 -9.30 11.26
N VAL A 288 14.65 -9.28 10.16
CA VAL A 288 13.68 -8.21 9.92
C VAL A 288 12.63 -8.13 11.04
N LEU A 289 12.04 -9.28 11.40
CA LEU A 289 11.01 -9.32 12.46
C LEU A 289 11.58 -8.86 13.79
N HIS A 290 12.76 -9.40 14.13
CA HIS A 290 13.44 -9.04 15.36
C HIS A 290 13.73 -7.53 15.45
N SER A 291 14.21 -6.97 14.36
CA SER A 291 14.57 -5.55 14.32
C SER A 291 13.37 -4.62 14.48
N TYR A 292 12.29 -4.90 13.78
CA TYR A 292 11.08 -4.09 13.92
C TYR A 292 10.52 -4.17 15.35
N LYS A 293 10.51 -5.37 15.93
CA LYS A 293 9.98 -5.54 17.28
C LYS A 293 10.87 -4.79 18.26
N LYS A 294 12.17 -4.89 18.06
CA LYS A 294 13.11 -4.28 18.99
C LYS A 294 12.94 -2.76 18.98
N GLN A 295 12.64 -2.19 17.82
CA GLN A 295 12.48 -0.75 17.71
C GLN A 295 11.07 -0.26 18.09
N GLY A 296 10.14 -1.18 18.29
CA GLY A 296 8.78 -0.78 18.64
C GLY A 296 7.99 -0.29 17.44
N VAL A 297 8.28 -0.85 16.28
CA VAL A 297 7.53 -0.57 15.07
C VAL A 297 6.70 -1.81 14.69
N SER A 298 5.39 -1.61 14.52
CA SER A 298 4.48 -2.70 14.21
C SER A 298 4.91 -3.49 12.97
N ILE A 299 4.76 -4.81 13.04
CA ILE A 299 5.03 -5.70 11.93
C ILE A 299 4.30 -7.00 12.26
N VAL A 300 4.01 -7.84 11.25
CA VAL A 300 3.43 -9.15 11.53
C VAL A 300 4.25 -10.19 10.77
N ASP A 301 4.43 -11.38 11.35
CA ASP A 301 5.06 -12.49 10.61
C ASP A 301 4.00 -13.19 9.75
N HIS A 302 4.43 -14.03 8.82
CA HIS A 302 3.49 -14.62 7.86
C HIS A 302 2.59 -15.68 8.48
N HIS A 303 3.06 -16.34 9.54
CA HIS A 303 2.24 -17.36 10.20
C HIS A 303 1.06 -16.72 10.93
N THR A 304 1.37 -15.68 11.71
CA THR A 304 0.35 -14.94 12.44
C THR A 304 -0.62 -14.31 11.47
N ALA A 305 -0.07 -13.71 10.41
CA ALA A 305 -0.89 -13.07 9.38
C ALA A 305 -1.88 -14.05 8.74
N ALA A 306 -1.40 -15.25 8.41
CA ALA A 306 -2.27 -16.28 7.83
C ALA A 306 -3.33 -16.73 8.82
N SER A 307 -2.97 -16.79 10.11
CA SER A 307 -3.96 -17.15 11.12
C SER A 307 -5.05 -16.09 11.22
N GLN A 308 -4.66 -14.83 11.11
CA GLN A 308 -5.64 -13.74 11.09
C GLN A 308 -6.56 -13.86 9.86
N PHE A 309 -5.97 -14.19 8.71
CA PHE A 309 -6.74 -14.30 7.48
C PHE A 309 -7.76 -15.44 7.55
N LYS A 310 -7.40 -16.53 8.21
CA LYS A 310 -8.34 -17.63 8.46
C LYS A 310 -9.56 -17.09 9.21
N ARG A 311 -9.31 -16.24 10.19
CA ARG A 311 -10.41 -15.62 10.93
C ARG A 311 -11.24 -14.71 10.03
N PHE A 312 -10.59 -14.02 9.10
CA PHE A 312 -11.32 -13.20 8.12
C PHE A 312 -12.27 -14.06 7.27
N GLU A 313 -11.76 -15.21 6.82
CA GLU A 313 -12.58 -16.17 6.08
C GLU A 313 -13.78 -16.61 6.92
N GLU A 314 -13.52 -16.98 8.18
CA GLU A 314 -14.57 -17.40 9.10
C GLU A 314 -15.59 -16.29 9.35
N GLN A 315 -15.09 -15.07 9.56
CA GLN A 315 -15.94 -13.91 9.75
C GLN A 315 -16.85 -13.66 8.52
N ALA A 316 -16.29 -13.78 7.32
CA ALA A 316 -17.05 -13.54 6.10
C ALA A 316 -18.20 -14.52 5.98
N GLU A 317 -17.91 -15.79 6.22
CA GLU A 317 -18.93 -16.82 6.13
C GLU A 317 -20.10 -16.57 7.08
N GLU A 318 -19.80 -16.26 8.34
CA GLU A 318 -20.87 -16.05 9.30
C GLU A 318 -21.60 -14.72 9.12
N ALA A 319 -20.99 -13.80 8.39
CA ALA A 319 -21.69 -12.56 8.02
C ALA A 319 -22.48 -12.74 6.73
N GLY A 320 -22.38 -13.92 6.13
CA GLY A 320 -23.07 -14.23 4.90
C GLY A 320 -22.48 -13.58 3.65
N ARG A 321 -21.24 -13.12 3.73
CA ARG A 321 -20.58 -12.52 2.57
C ARG A 321 -19.72 -13.53 1.84
N LYS A 322 -19.75 -13.44 0.52
CA LYS A 322 -18.86 -14.21 -0.32
C LYS A 322 -17.42 -13.81 -0.04
N LEU A 323 -16.51 -14.78 -0.01
CA LEU A 323 -15.09 -14.51 0.11
C LEU A 323 -14.43 -14.49 -1.27
N THR A 324 -13.66 -13.44 -1.56
CA THR A 324 -12.83 -13.48 -2.75
C THR A 324 -11.35 -13.31 -2.41
N GLY A 325 -10.50 -13.92 -3.24
CA GLY A 325 -9.07 -13.89 -2.99
C GLY A 325 -8.24 -14.32 -4.18
N ASP A 326 -6.98 -13.89 -4.18
CA ASP A 326 -6.02 -14.27 -5.20
C ASP A 326 -4.96 -15.16 -4.55
N TRP A 327 -5.15 -16.46 -4.67
CA TRP A 327 -4.26 -17.48 -4.10
C TRP A 327 -2.78 -17.18 -4.36
N THR A 328 -2.47 -16.78 -5.59
CA THR A 328 -1.07 -16.58 -5.99
C THR A 328 -0.39 -15.43 -5.25
N TRP A 329 -1.18 -14.48 -4.75
CA TRP A 329 -0.63 -13.38 -3.95
C TRP A 329 -0.79 -13.59 -2.44
N LEU A 330 -1.81 -14.33 -2.04
CA LEU A 330 -2.07 -14.56 -0.61
C LEU A 330 -1.02 -15.47 0.02
N ILE A 331 -0.57 -16.49 -0.72
CA ILE A 331 0.47 -17.36 -0.18
C ILE A 331 1.76 -16.55 0.08
N PRO A 332 2.38 -16.73 1.26
CA PRO A 332 3.65 -16.01 1.49
C PRO A 332 4.80 -16.58 0.68
N PRO A 333 5.80 -15.76 0.36
CA PRO A 333 6.91 -16.22 -0.48
C PRO A 333 7.91 -17.08 0.30
N ILE A 334 7.71 -17.29 1.59
CA ILE A 334 8.46 -18.36 2.25
C ILE A 334 7.56 -19.28 3.06
N SER A 335 7.95 -20.55 3.14
CA SER A 335 7.12 -21.63 3.69
C SER A 335 5.61 -21.54 3.41
N PRO A 336 5.22 -21.32 2.14
CA PRO A 336 3.77 -21.17 1.91
C PRO A 336 2.96 -22.41 2.31
N ALA A 337 3.53 -23.61 2.17
CA ALA A 337 2.77 -24.82 2.51
C ALA A 337 2.60 -25.02 4.01
N ALA A 338 3.26 -24.17 4.81
CA ALA A 338 3.03 -24.21 6.25
C ALA A 338 1.85 -23.33 6.68
N THR A 339 1.17 -22.70 5.71
CA THR A 339 -0.04 -21.92 6.02
C THR A 339 -1.26 -22.62 5.45
N HIS A 340 -2.44 -22.37 6.01
CA HIS A 340 -3.69 -22.99 5.53
C HIS A 340 -4.04 -22.50 4.12
N ILE A 341 -3.62 -21.28 3.81
CA ILE A 341 -3.90 -20.65 2.52
C ILE A 341 -3.51 -21.55 1.34
N PHE A 342 -2.31 -22.09 1.40
CA PHE A 342 -1.76 -22.95 0.36
C PHE A 342 -2.69 -24.12 0.05
N HIS A 343 -3.40 -24.60 1.07
CA HIS A 343 -4.13 -25.86 0.96
C HIS A 343 -5.62 -25.69 0.61
N ARG A 344 -6.02 -24.47 0.26
CA ARG A 344 -7.38 -24.29 -0.24
C ARG A 344 -7.37 -23.40 -1.47
N SER A 345 -8.53 -23.17 -2.06
CA SER A 345 -8.60 -22.32 -3.23
C SER A 345 -9.47 -21.10 -2.95
N TYR A 346 -9.38 -20.09 -3.81
CA TYR A 346 -10.10 -18.85 -3.63
C TYR A 346 -10.68 -18.34 -4.95
N ASP A 347 -11.91 -17.82 -4.89
CA ASP A 347 -12.57 -17.21 -6.03
C ASP A 347 -11.99 -15.82 -6.30
N ASN A 348 -11.38 -15.64 -7.46
CA ASN A 348 -10.66 -14.37 -7.74
C ASN A 348 -11.51 -13.31 -8.43
N SER A 349 -12.83 -13.37 -8.27
CA SER A 349 -13.72 -12.37 -8.87
C SER A 349 -13.48 -10.98 -8.28
N ILE A 350 -13.60 -9.96 -9.13
CA ILE A 350 -13.43 -8.58 -8.71
C ILE A 350 -14.76 -8.00 -8.22
N VAL A 351 -14.78 -7.54 -6.98
CA VAL A 351 -15.96 -6.95 -6.36
C VAL A 351 -15.65 -5.49 -5.98
N LYS A 352 -16.60 -4.58 -6.21
CA LYS A 352 -16.41 -3.17 -5.86
C LYS A 352 -17.27 -2.76 -4.67
N PRO A 353 -16.84 -1.74 -3.90
CA PRO A 353 -15.62 -0.91 -3.97
C PRO A 353 -14.32 -1.71 -3.93
N ASN A 354 -13.25 -1.13 -4.47
CA ASN A 354 -11.97 -1.81 -4.52
C ASN A 354 -10.85 -0.82 -4.86
N TYR A 355 -9.60 -1.27 -4.73
CA TYR A 355 -8.42 -0.50 -5.11
C TYR A 355 -7.86 -1.08 -6.42
N PHE A 356 -7.48 -0.20 -7.34
CA PHE A 356 -7.00 -0.62 -8.66
C PHE A 356 -5.69 0.04 -9.07
N TYR A 357 -4.91 -0.69 -9.87
CA TYR A 357 -3.73 -0.14 -10.50
C TYR A 357 -4.16 0.96 -11.47
N GLN A 358 -3.27 1.92 -11.73
CA GLN A 358 -3.49 2.92 -12.78
C GLN A 358 -2.17 3.26 -13.45
N ASP A 359 -2.24 3.82 -14.66
CA ASP A 359 -1.03 4.14 -15.43
C ASP A 359 -0.11 5.14 -14.74
N LYS A 360 1.19 4.91 -14.80
CA LYS A 360 2.17 5.87 -14.30
C LYS A 360 2.16 7.13 -15.17
N PRO A 361 2.21 8.32 -14.55
CA PRO A 361 2.28 9.55 -15.37
C PRO A 361 3.69 9.86 -15.89
N TYR A 362 4.70 9.18 -15.38
CA TYR A 362 6.04 9.24 -15.94
C TYR A 362 6.17 7.92 -16.71
N GLU A 363 7.32 7.68 -17.36
CA GLU A 363 7.48 6.55 -18.29
C GLU A 363 6.70 6.71 -19.61
#